data_3U0A
#
_entry.id   3U0A
#
_cell.length_a   102.130
_cell.length_b   138.160
_cell.length_c   81.180
_cell.angle_alpha   90.000
_cell.angle_beta   90.000
_cell.angle_gamma   90.000
#
_symmetry.space_group_name_H-M   'C 2 2 21'
#
loop_
_entity.id
_entity.type
_entity.pdbx_description
1 polymer 'Acyl-CoA thioesterase II TesB2'
2 non-polymer 'SULFATE ION'
3 non-polymer GLYCEROL
4 non-polymer 'SODIUM ION'
5 water water
#
_entity_poly.entity_id   1
_entity_poly.type   'polypeptide(L)'
_entity_poly.pdbx_seq_one_letter_code
;GPGSMAIEEILDLEQLEVNIYRGSVFSPESGFLQRTFGGHVAGQSLVSAVRTVDPRYQVHSLHGYFLRSGDAQEPTVFLV
ERTRDGGSFVTRRVNAVQHGEVIFSMGASFQTAQNGISHQDAMPAAPPPDDLPGLRSVRVFDDAGFRQFEEWDVRIVPRD
LLAPLPGKASQQQVWFRHRDPLPDDPVLHICALAYMSDLTLLGSAQVTHLAEREHLQVASLDHAMWFMRGFRADEWLLYD
QSSPSAGGGRALTHGKIFTQGGELVAAVMQEGLTRYPSGYQPGEK
;
_entity_poly.pdbx_strand_id   A,B
#
# COMPACT_ATOMS: atom_id res chain seq x y z
N ALA A 6 10.19 -13.45 -22.30
CA ALA A 6 9.04 -12.54 -22.49
C ALA A 6 9.14 -11.29 -21.58
N ILE A 7 9.57 -11.46 -20.32
CA ILE A 7 9.59 -10.34 -19.34
C ILE A 7 10.23 -9.03 -19.85
N GLU A 8 11.21 -9.14 -20.74
CA GLU A 8 11.92 -7.99 -21.33
C GLU A 8 11.07 -7.18 -22.27
N GLU A 9 10.03 -7.80 -22.78
CA GLU A 9 9.08 -7.10 -23.64
C GLU A 9 8.26 -6.08 -22.86
N ILE A 10 8.19 -6.21 -21.53
CA ILE A 10 7.50 -5.19 -20.74
C ILE A 10 8.17 -3.84 -20.92
N LEU A 11 9.48 -3.88 -21.16
CA LEU A 11 10.26 -2.65 -21.28
C LEU A 11 10.14 -2.03 -22.68
N ASP A 12 9.62 -2.77 -23.65
CA ASP A 12 9.50 -2.33 -25.03
C ASP A 12 8.27 -1.44 -25.20
N LEU A 13 8.48 -0.12 -25.21
CA LEU A 13 7.42 0.84 -25.41
C LEU A 13 7.73 1.76 -26.59
N GLU A 14 6.75 2.01 -27.45
CA GLU A 14 6.87 3.04 -28.48
C GLU A 14 6.54 4.40 -27.87
N GLN A 15 7.32 5.42 -28.12
CA GLN A 15 6.93 6.74 -27.63
C GLN A 15 6.23 7.52 -28.70
N LEU A 16 4.99 7.88 -28.42
CA LEU A 16 4.16 8.58 -29.35
C LEU A 16 4.35 10.08 -29.26
N GLU A 17 4.71 10.61 -28.09
CA GLU A 17 4.96 12.06 -27.91
C GLU A 17 5.49 12.22 -26.51
N VAL A 18 5.90 13.41 -26.13
CA VAL A 18 6.28 13.61 -24.72
C VAL A 18 5.13 13.14 -23.78
N ASN A 19 5.46 12.31 -22.80
CA ASN A 19 4.49 11.83 -21.83
C ASN A 19 3.38 10.95 -22.38
N ILE A 20 3.50 10.44 -23.61
CA ILE A 20 2.52 9.49 -24.21
C ILE A 20 3.33 8.33 -24.77
N TYR A 21 3.02 7.12 -24.32
CA TYR A 21 3.72 5.90 -24.75
C TYR A 21 2.68 4.86 -25.16
N ARG A 22 3.08 3.84 -25.90
CA ARG A 22 2.15 2.81 -26.35
C ARG A 22 2.83 1.48 -26.22
N GLY A 23 2.12 0.53 -25.61
CA GLY A 23 2.55 -0.86 -25.53
C GLY A 23 1.82 -1.67 -26.58
N SER A 24 2.52 -2.60 -27.22
CA SER A 24 1.91 -3.33 -28.31
C SER A 24 1.10 -4.50 -27.78
N VAL A 25 0.12 -4.92 -28.60
CA VAL A 25 -0.73 -6.08 -28.36
C VAL A 25 -0.05 -7.20 -27.58
N LEU A 33 -5.17 -15.57 -19.71
CA LEU A 33 -5.47 -15.34 -18.28
C LEU A 33 -5.42 -13.84 -17.97
N GLN A 34 -6.36 -13.36 -17.14
CA GLN A 34 -6.58 -11.90 -16.99
C GLN A 34 -5.54 -11.27 -16.04
N ARG A 35 -5.12 -12.08 -15.06
CA ARG A 35 -4.08 -11.67 -14.11
C ARG A 35 -2.77 -11.35 -14.85
N THR A 36 -2.49 -12.10 -15.93
CA THR A 36 -1.31 -11.90 -16.78
C THR A 36 -1.34 -10.55 -17.53
N PHE A 37 -2.47 -10.25 -18.18
CA PHE A 37 -2.66 -8.99 -18.85
C PHE A 37 -2.55 -7.82 -17.85
N GLY A 38 -3.22 -7.92 -16.73
CA GLY A 38 -3.11 -6.90 -15.68
C GLY A 38 -1.68 -6.63 -15.22
N GLY A 39 -0.89 -7.67 -14.99
CA GLY A 39 0.49 -7.50 -14.58
C GLY A 39 1.38 -6.84 -15.63
N HIS A 40 1.14 -7.19 -16.89
CA HIS A 40 1.80 -6.58 -18.05
C HIS A 40 1.52 -5.09 -18.10
N VAL A 41 0.23 -4.76 -18.11
CA VAL A 41 -0.24 -3.40 -18.18
C VAL A 41 0.33 -2.56 -17.04
N ALA A 42 0.37 -3.13 -15.84
CA ALA A 42 0.86 -2.40 -14.67
C ALA A 42 2.34 -2.12 -14.83
N GLY A 43 3.06 -3.13 -15.32
CA GLY A 43 4.48 -3.05 -15.50
C GLY A 43 4.80 -2.02 -16.54
N GLN A 44 4.04 -2.02 -17.64
CA GLN A 44 4.28 -1.08 -18.70
C GLN A 44 3.90 0.32 -18.24
N SER A 45 2.85 0.46 -17.45
CA SER A 45 2.53 1.74 -16.86
C SER A 45 3.71 2.30 -16.06
N LEU A 46 4.39 1.45 -15.30
CA LEU A 46 5.58 1.92 -14.55
C LEU A 46 6.73 2.29 -15.46
N VAL A 47 6.97 1.46 -16.49
CA VAL A 47 8.06 1.72 -17.40
C VAL A 47 7.86 3.07 -18.06
N SER A 48 6.60 3.39 -18.37
CA SER A 48 6.26 4.72 -18.90
C SER A 48 6.60 5.86 -17.96
N ALA A 49 6.35 5.64 -16.68
CA ALA A 49 6.70 6.59 -15.67
C ALA A 49 8.22 6.80 -15.69
N VAL A 50 8.98 5.69 -15.76
CA VAL A 50 10.41 5.67 -15.62
C VAL A 50 11.12 6.45 -16.77
N ARG A 51 10.49 6.45 -17.94
CA ARG A 51 11.07 7.12 -19.12
C ARG A 51 11.02 8.64 -19.08
N THR A 52 10.16 9.16 -18.21
CA THR A 52 9.96 10.60 -18.00
C THR A 52 10.72 11.08 -16.78
N VAL A 53 11.47 10.19 -16.14
CA VAL A 53 12.22 10.51 -14.91
C VAL A 53 13.71 10.55 -15.16
N ASP A 54 14.34 11.65 -14.76
CA ASP A 54 15.78 11.72 -14.59
C ASP A 54 16.34 10.46 -13.90
N PRO A 55 17.28 9.75 -14.54
CA PRO A 55 17.71 8.46 -13.99
C PRO A 55 18.54 8.55 -12.72
N ARG A 56 18.99 9.75 -12.36
CA ARG A 56 19.54 10.02 -11.01
C ARG A 56 18.55 9.65 -9.88
N TYR A 57 17.25 9.62 -10.21
CA TYR A 57 16.23 9.25 -9.26
C TYR A 57 15.74 7.86 -9.59
N GLN A 58 15.75 6.99 -8.60
CA GLN A 58 15.37 5.60 -8.83
C GLN A 58 14.08 5.33 -8.09
N VAL A 59 13.22 4.51 -8.70
CA VAL A 59 11.93 4.21 -8.13
C VAL A 59 12.03 3.54 -6.77
N HIS A 60 11.08 3.83 -5.90
CA HIS A 60 11.03 3.25 -4.57
C HIS A 60 9.65 2.88 -4.08
N SER A 61 8.60 3.44 -4.70
CA SER A 61 7.25 3.00 -4.37
C SER A 61 6.30 3.18 -5.52
N LEU A 62 5.18 2.46 -5.49
CA LEU A 62 4.13 2.63 -6.46
C LEU A 62 2.89 2.11 -5.88
N HIS A 63 1.77 2.67 -6.34
CA HIS A 63 0.45 2.29 -5.90
C HIS A 63 -0.38 2.33 -7.16
N GLY A 64 -1.25 1.37 -7.40
CA GLY A 64 -2.21 1.52 -8.49
C GLY A 64 -3.49 0.74 -8.33
N TYR A 65 -4.46 1.08 -9.16
CA TYR A 65 -5.78 0.53 -9.09
C TYR A 65 -6.14 -0.13 -10.45
N PHE A 66 -6.50 -1.41 -10.39
CA PHE A 66 -6.95 -2.14 -11.57
C PHE A 66 -8.42 -1.84 -11.82
N LEU A 67 -8.67 -0.99 -12.80
CA LEU A 67 -9.99 -0.46 -12.96
C LEU A 67 -10.83 -1.37 -13.85
N ARG A 68 -10.26 -1.84 -14.95
CA ARG A 68 -11.02 -2.57 -15.97
C ARG A 68 -10.21 -3.68 -16.58
N SER A 69 -10.93 -4.62 -17.17
CA SER A 69 -10.33 -5.80 -17.79
C SER A 69 -9.41 -5.51 -19.04
N GLY A 70 -9.88 -4.63 -19.91
CA GLY A 70 -9.17 -4.39 -21.16
C GLY A 70 -9.38 -5.50 -22.17
N ASP A 71 -8.66 -5.39 -23.28
CA ASP A 71 -8.60 -6.40 -24.35
C ASP A 71 -7.14 -6.66 -24.64
N ALA A 72 -6.69 -7.90 -24.45
CA ALA A 72 -5.27 -8.21 -24.77
C ALA A 72 -4.96 -8.29 -26.28
N GLN A 73 -5.99 -8.20 -27.13
CA GLN A 73 -5.79 -8.03 -28.59
C GLN A 73 -5.82 -6.57 -29.08
N GLU A 74 -5.81 -5.60 -28.16
CA GLU A 74 -5.67 -4.21 -28.56
C GLU A 74 -4.41 -3.67 -27.87
N PRO A 75 -3.70 -2.69 -28.48
CA PRO A 75 -2.60 -2.03 -27.78
C PRO A 75 -3.10 -1.11 -26.70
N THR A 76 -2.17 -0.66 -25.86
CA THR A 76 -2.50 0.26 -24.77
C THR A 76 -1.61 1.51 -24.84
N VAL A 77 -2.21 2.65 -24.50
CA VAL A 77 -1.53 3.90 -24.47
C VAL A 77 -1.39 4.35 -23.02
N PHE A 78 -0.24 4.90 -22.69
CA PHE A 78 0.09 5.31 -21.33
C PHE A 78 0.29 6.83 -21.32
N LEU A 79 -0.53 7.47 -20.50
CA LEU A 79 -0.53 8.89 -20.32
C LEU A 79 0.09 9.29 -19.00
N VAL A 80 1.31 9.80 -19.07
CA VAL A 80 2.13 10.15 -17.90
C VAL A 80 1.88 11.61 -17.49
N GLU A 81 1.77 11.85 -16.19
CA GLU A 81 1.61 13.20 -15.61
C GLU A 81 2.81 13.49 -14.72
N ARG A 82 3.54 14.58 -14.96
CA ARG A 82 4.76 14.84 -14.18
C ARG A 82 4.38 15.55 -12.91
N THR A 83 4.01 14.81 -11.89
CA THR A 83 3.20 15.35 -10.86
C THR A 83 4.03 16.32 -10.02
N ARG A 84 5.27 15.93 -9.76
CA ARG A 84 6.21 16.73 -9.00
C ARG A 84 7.65 16.37 -9.41
N ASP A 85 8.45 17.41 -9.57
CA ASP A 85 9.87 17.28 -9.84
C ASP A 85 10.70 18.17 -8.87
N GLY A 86 11.14 17.60 -7.76
CA GLY A 86 11.93 18.33 -6.78
C GLY A 86 13.37 17.90 -6.80
N GLY A 87 14.09 18.28 -5.77
CA GLY A 87 15.53 18.02 -5.69
C GLY A 87 15.92 16.59 -5.32
N SER A 88 15.10 15.95 -4.51
CA SER A 88 15.35 14.59 -4.01
C SER A 88 14.32 13.58 -4.50
N PHE A 89 13.09 14.05 -4.71
CA PHE A 89 12.02 13.18 -5.08
C PHE A 89 11.32 13.68 -6.38
N VAL A 90 10.96 12.73 -7.23
CA VAL A 90 10.13 13.00 -8.38
C VAL A 90 8.92 12.08 -8.27
N THR A 91 7.75 12.59 -8.62
CA THR A 91 6.53 11.76 -8.57
C THR A 91 5.85 11.78 -9.91
N ARG A 92 5.33 10.62 -10.32
CA ARG A 92 4.55 10.48 -11.55
C ARG A 92 3.18 9.86 -11.33
N ARG A 93 2.18 10.27 -12.12
CA ARG A 93 0.92 9.48 -12.24
C ARG A 93 0.80 8.99 -13.66
N VAL A 94 0.25 7.80 -13.84
CA VAL A 94 0.05 7.22 -15.16
C VAL A 94 -1.35 6.62 -15.27
N ASN A 95 -1.99 6.88 -16.42
CA ASN A 95 -3.24 6.22 -16.81
C ASN A 95 -3.03 5.35 -18.05
N ALA A 96 -3.30 4.05 -17.94
CA ALA A 96 -3.24 3.15 -19.09
C ALA A 96 -4.63 3.15 -19.72
N VAL A 97 -4.69 3.45 -21.02
CA VAL A 97 -5.94 3.69 -21.70
C VAL A 97 -6.14 2.76 -22.89
N GLN A 98 -7.38 2.26 -23.00
CA GLN A 98 -7.87 1.52 -24.17
C GLN A 98 -9.26 1.94 -24.59
N HIS A 99 -9.40 2.35 -25.86
CA HIS A 99 -10.65 2.82 -26.45
C HIS A 99 -11.30 3.86 -25.55
N GLY A 100 -10.50 4.80 -25.11
CA GLY A 100 -11.00 5.95 -24.40
C GLY A 100 -11.24 5.69 -22.95
N GLU A 101 -10.95 4.49 -22.45
CA GLU A 101 -11.25 4.15 -21.05
C GLU A 101 -9.97 3.96 -20.26
N VAL A 102 -9.90 4.51 -19.04
CA VAL A 102 -8.78 4.19 -18.15
C VAL A 102 -8.99 2.78 -17.55
N ILE A 103 -8.06 1.87 -17.88
CA ILE A 103 -8.12 0.47 -17.45
C ILE A 103 -7.28 0.21 -16.19
N PHE A 104 -6.26 1.05 -15.98
CA PHE A 104 -5.36 0.96 -14.86
C PHE A 104 -4.86 2.34 -14.54
N SER A 105 -4.79 2.68 -13.27
CA SER A 105 -4.32 3.99 -12.82
C SER A 105 -3.34 3.82 -11.67
N MET A 106 -2.31 4.64 -11.67
CA MET A 106 -1.11 4.32 -10.97
C MET A 106 -0.33 5.57 -10.54
N GLY A 107 0.38 5.45 -9.45
CA GLY A 107 1.38 6.44 -9.06
C GLY A 107 2.67 5.78 -8.59
N ALA A 108 3.78 6.48 -8.78
CA ALA A 108 5.11 6.02 -8.39
C ALA A 108 5.99 7.18 -7.94
N SER A 109 6.91 6.90 -7.00
CA SER A 109 7.84 7.89 -6.43
C SER A 109 9.28 7.49 -6.73
N PHE A 110 10.08 8.49 -7.06
CA PHE A 110 11.49 8.32 -7.41
C PHE A 110 12.40 9.23 -6.53
N GLN A 111 13.51 8.68 -6.05
CA GLN A 111 14.40 9.40 -5.14
C GLN A 111 15.82 9.26 -5.55
N THR A 112 16.61 10.27 -5.24
CA THR A 112 18.07 10.15 -5.41
C THR A 112 18.72 9.27 -4.32
N ALA A 113 19.98 8.92 -4.55
CA ALA A 113 20.75 8.16 -3.56
C ALA A 113 21.04 9.05 -2.37
N GLN A 114 20.52 8.69 -1.21
CA GLN A 114 20.77 9.44 0.02
C GLN A 114 20.93 8.46 1.19
N ASN A 115 20.99 8.98 2.42
CA ASN A 115 21.32 8.16 3.59
C ASN A 115 20.37 8.37 4.78
N GLY A 116 20.36 7.41 5.68
CA GLY A 116 19.45 7.42 6.80
C GLY A 116 19.60 6.25 7.73
N ILE A 117 18.80 6.20 8.77
CA ILE A 117 18.78 5.06 9.65
C ILE A 117 18.66 3.77 8.85
N SER A 118 19.22 2.71 9.43
CA SER A 118 19.27 1.38 8.79
C SER A 118 18.69 0.30 9.68
N HIS A 119 17.81 -0.55 9.15
CA HIS A 119 17.42 -1.81 9.80
C HIS A 119 16.57 -2.62 8.86
N GLN A 120 16.42 -3.91 9.18
CA GLN A 120 15.47 -4.79 8.45
C GLN A 120 15.07 -5.98 9.30
N ASP A 121 13.90 -6.56 9.01
CA ASP A 121 13.45 -7.76 9.70
C ASP A 121 14.32 -8.92 9.21
N ALA A 122 14.48 -9.91 10.05
CA ALA A 122 15.26 -11.08 9.69
C ALA A 122 14.46 -11.92 8.69
N MET A 123 15.19 -12.53 7.78
CA MET A 123 14.59 -13.51 6.92
C MET A 123 13.95 -14.63 7.74
N PRO A 124 12.69 -14.98 7.46
CA PRO A 124 12.07 -16.11 8.13
C PRO A 124 12.76 -17.41 7.78
N ALA A 125 12.66 -18.36 8.72
CA ALA A 125 13.12 -19.70 8.49
C ALA A 125 12.30 -20.28 7.35
N ALA A 126 12.96 -20.54 6.24
CA ALA A 126 12.39 -21.29 5.14
C ALA A 126 13.40 -22.38 4.79
N PRO A 127 12.93 -23.43 4.11
CA PRO A 127 13.88 -24.43 3.69
C PRO A 127 14.51 -23.95 2.40
N PRO A 128 15.73 -24.41 2.08
CA PRO A 128 16.30 -23.96 0.83
C PRO A 128 15.45 -24.39 -0.37
N PRO A 129 15.56 -23.69 -1.50
CA PRO A 129 14.77 -24.10 -2.67
C PRO A 129 15.20 -25.44 -3.25
N ASP A 130 16.48 -25.75 -3.10
CA ASP A 130 17.05 -26.87 -3.86
CA ASP A 130 17.17 -26.87 -3.74
C ASP A 130 16.46 -28.22 -3.48
N ASP A 131 15.99 -28.35 -2.24
CA ASP A 131 15.34 -29.58 -1.82
C ASP A 131 13.79 -29.43 -1.81
N LEU A 132 13.26 -28.52 -2.62
CA LEU A 132 11.82 -28.40 -2.80
C LEU A 132 11.52 -28.71 -4.25
N PRO A 133 10.34 -29.32 -4.53
CA PRO A 133 9.92 -29.84 -5.88
C PRO A 133 9.31 -28.82 -6.88
N GLY A 134 8.43 -27.93 -6.41
CA GLY A 134 7.69 -27.07 -7.36
C GLY A 134 7.26 -27.81 -8.64
N ARG A 147 1.51 -22.62 -17.94
CA ARG A 147 2.32 -22.29 -19.12
C ARG A 147 2.93 -20.89 -19.02
N GLN A 148 2.36 -20.03 -18.15
CA GLN A 148 2.85 -18.64 -17.95
C GLN A 148 4.10 -18.52 -17.01
N PHE A 149 4.44 -19.60 -16.29
CA PHE A 149 5.59 -19.66 -15.40
C PHE A 149 6.79 -20.40 -16.05
N GLU A 150 6.65 -20.72 -17.33
CA GLU A 150 7.71 -21.32 -18.16
C GLU A 150 9.14 -20.70 -18.06
N GLU A 151 9.25 -19.36 -18.01
CA GLU A 151 10.56 -18.64 -17.86
C GLU A 151 11.14 -18.81 -16.47
N TRP A 152 10.30 -19.26 -15.53
CA TRP A 152 10.59 -19.18 -14.12
C TRP A 152 10.64 -20.53 -13.45
N ASP A 153 11.41 -20.55 -12.39
CA ASP A 153 11.48 -21.60 -11.44
C ASP A 153 10.66 -21.17 -10.26
N VAL A 154 9.73 -22.01 -9.85
CA VAL A 154 8.81 -21.65 -8.78
C VAL A 154 8.67 -22.80 -7.81
N ARG A 155 8.89 -22.56 -6.52
CA ARG A 155 8.89 -23.70 -5.57
C ARG A 155 8.15 -23.27 -4.34
N ILE A 156 7.08 -24.01 -4.03
CA ILE A 156 6.10 -23.61 -3.03
C ILE A 156 6.37 -24.37 -1.76
N VAL A 157 6.67 -23.64 -0.71
CA VAL A 157 6.97 -24.27 0.56
C VAL A 157 5.72 -25.04 0.98
N PRO A 158 5.89 -26.34 1.25
CA PRO A 158 4.85 -27.23 1.77
C PRO A 158 4.28 -26.79 3.09
N ARG A 159 2.99 -27.04 3.29
CA ARG A 159 2.35 -26.52 4.49
C ARG A 159 3.14 -26.99 5.77
N ASP A 160 3.64 -28.23 5.75
CA ASP A 160 4.37 -28.79 6.91
C ASP A 160 5.76 -28.22 7.22
N LEU A 161 6.38 -27.55 6.26
CA LEU A 161 7.69 -26.95 6.50
C LEU A 161 7.60 -25.43 6.78
N LEU A 162 6.41 -24.86 6.65
CA LEU A 162 6.29 -23.41 6.70
C LEU A 162 6.45 -22.98 8.15
N ALA A 163 7.27 -21.96 8.40
CA ALA A 163 7.44 -21.45 9.76
C ALA A 163 6.29 -20.50 10.09
N PRO A 164 5.31 -20.96 10.89
CA PRO A 164 4.15 -20.10 11.09
C PRO A 164 4.44 -18.99 12.11
N LEU A 165 3.67 -17.91 12.02
CA LEU A 165 3.67 -16.87 13.03
C LEU A 165 2.38 -16.93 13.85
N PRO A 166 2.45 -16.37 15.05
CA PRO A 166 1.32 -16.40 15.99
C PRO A 166 0.04 -15.69 15.47
N GLY A 167 -1.07 -16.44 15.56
CA GLY A 167 -2.38 -15.98 15.23
C GLY A 167 -2.73 -15.86 13.75
N LYS A 168 -1.84 -16.29 12.86
CA LYS A 168 -2.02 -16.03 11.44
C LYS A 168 -2.95 -17.04 10.77
N ALA A 169 -3.90 -16.53 10.03
CA ALA A 169 -4.87 -17.39 9.34
C ALA A 169 -4.31 -18.10 8.08
N SER A 170 -3.42 -17.45 7.36
CA SER A 170 -3.18 -17.81 5.99
C SER A 170 -1.84 -17.29 5.52
N GLN A 171 -0.86 -18.19 5.51
CA GLN A 171 0.50 -17.85 5.11
C GLN A 171 0.86 -18.70 3.93
N GLN A 172 1.74 -18.18 3.10
CA GLN A 172 2.30 -18.97 2.05
C GLN A 172 3.71 -18.49 1.71
N GLN A 173 4.61 -19.43 1.46
CA GLN A 173 5.97 -19.12 1.05
C GLN A 173 6.31 -19.74 -0.29
N VAL A 174 6.80 -18.89 -1.20
CA VAL A 174 7.21 -19.32 -2.54
C VAL A 174 8.60 -18.82 -2.90
N TRP A 175 9.43 -19.71 -3.42
CA TRP A 175 10.71 -19.30 -4.01
C TRP A 175 10.58 -19.17 -5.48
N PHE A 176 11.14 -18.13 -6.05
CA PHE A 176 11.07 -17.93 -7.48
C PHE A 176 12.36 -17.37 -8.03
N ARG A 177 12.60 -17.64 -9.30
CA ARG A 177 13.83 -17.27 -9.95
C ARG A 177 13.58 -17.35 -11.46
N HIS A 178 14.03 -16.33 -12.19
CA HIS A 178 14.08 -16.36 -13.64
C HIS A 178 15.15 -17.34 -14.06
N ARG A 179 14.78 -18.33 -14.87
CA ARG A 179 15.68 -19.41 -15.29
C ARG A 179 16.95 -18.94 -15.98
N ASP A 180 16.79 -18.05 -16.94
CA ASP A 180 17.90 -17.60 -17.77
C ASP A 180 18.37 -16.26 -17.26
N PRO A 181 19.68 -15.97 -17.41
CA PRO A 181 20.26 -14.72 -16.94
C PRO A 181 19.61 -13.57 -17.66
N LEU A 182 19.51 -12.45 -16.95
CA LEU A 182 18.84 -11.26 -17.43
C LEU A 182 19.86 -10.17 -17.67
N PRO A 183 19.52 -9.20 -18.50
CA PRO A 183 20.32 -7.97 -18.56
C PRO A 183 20.50 -7.32 -17.20
N ASP A 184 21.55 -6.49 -17.08
CA ASP A 184 21.85 -5.73 -15.85
C ASP A 184 21.12 -4.36 -15.82
N ASP A 185 19.81 -4.35 -16.06
CA ASP A 185 19.03 -3.13 -15.99
C ASP A 185 18.08 -3.20 -14.78
N PRO A 186 18.37 -2.42 -13.74
CA PRO A 186 17.60 -2.62 -12.53
C PRO A 186 16.11 -2.47 -12.73
N VAL A 187 15.71 -1.64 -13.68
CA VAL A 187 14.29 -1.43 -13.97
C VAL A 187 13.63 -2.73 -14.42
N LEU A 188 14.36 -3.50 -15.21
CA LEU A 188 13.88 -4.79 -15.68
C LEU A 188 13.68 -5.76 -14.51
N HIS A 189 14.55 -5.66 -13.52
CA HIS A 189 14.46 -6.53 -12.38
C HIS A 189 13.27 -6.16 -11.54
N ILE A 190 13.09 -4.86 -11.29
CA ILE A 190 11.94 -4.36 -10.55
C ILE A 190 10.62 -4.84 -11.20
N CYS A 191 10.51 -4.66 -12.53
CA CYS A 191 9.37 -5.13 -13.30
C CYS A 191 9.18 -6.65 -13.22
N ALA A 192 10.27 -7.38 -13.27
CA ALA A 192 10.23 -8.83 -13.14
C ALA A 192 9.58 -9.20 -11.80
N LEU A 193 10.06 -8.59 -10.72
CA LEU A 193 9.55 -8.88 -9.37
C LEU A 193 8.09 -8.43 -9.22
N ALA A 194 7.78 -7.24 -9.76
CA ALA A 194 6.44 -6.68 -9.64
C ALA A 194 5.46 -7.54 -10.45
N TYR A 195 5.93 -8.03 -11.60
CA TYR A 195 5.17 -8.93 -12.43
C TYR A 195 4.83 -10.25 -11.73
N MET A 196 5.85 -10.91 -11.20
CA MET A 196 5.62 -12.19 -10.52
C MET A 196 4.73 -12.06 -9.29
N SER A 197 4.85 -10.94 -8.56
CA SER A 197 3.95 -10.67 -7.43
C SER A 197 2.51 -10.49 -7.92
N ASP A 198 2.32 -9.69 -8.95
CA ASP A 198 1.01 -9.60 -9.54
C ASP A 198 0.41 -10.95 -9.97
N LEU A 199 1.25 -11.96 -10.28
CA LEU A 199 0.78 -13.31 -10.66
C LEU A 199 0.55 -14.20 -9.48
N THR A 200 1.23 -13.93 -8.35
CA THR A 200 1.31 -14.94 -7.27
C THR A 200 0.81 -14.56 -5.90
N LEU A 201 0.82 -13.29 -5.52
CA LEU A 201 0.44 -12.95 -4.13
C LEU A 201 -1.00 -13.26 -3.76
N LEU A 202 -1.96 -12.92 -4.59
CA LEU A 202 -3.37 -13.03 -4.20
C LEU A 202 -3.80 -14.48 -3.96
N GLY A 203 -3.04 -15.42 -4.52
CA GLY A 203 -3.17 -16.86 -4.20
C GLY A 203 -3.12 -17.15 -2.69
N SER A 204 -2.37 -16.36 -1.94
CA SER A 204 -2.22 -16.58 -0.49
C SER A 204 -3.55 -16.42 0.28
N ALA A 205 -4.49 -15.67 -0.29
CA ALA A 205 -5.82 -15.53 0.25
C ALA A 205 -6.59 -16.87 0.21
N GLN A 206 -6.24 -17.77 -0.72
CA GLN A 206 -7.04 -18.99 -0.92
C GLN A 206 -6.56 -20.21 -0.17
N VAL A 207 -5.54 -20.04 0.67
CA VAL A 207 -4.82 -21.19 1.22
C VAL A 207 -5.76 -22.07 2.05
N THR A 208 -6.59 -21.40 2.86
CA THR A 208 -7.55 -22.08 3.74
C THR A 208 -8.99 -22.18 3.15
N HIS A 209 -9.15 -21.99 1.85
CA HIS A 209 -10.47 -21.89 1.24
C HIS A 209 -10.57 -22.73 0.04
N LEU A 210 -9.84 -23.83 0.03
CA LEU A 210 -9.71 -24.63 -1.18
C LEU A 210 -11.04 -25.32 -1.60
N ALA A 211 -11.96 -25.54 -0.66
CA ALA A 211 -13.29 -26.08 -1.04
C ALA A 211 -14.16 -25.03 -1.77
N GLU A 212 -13.88 -23.75 -1.54
CA GLU A 212 -14.72 -22.68 -2.08
C GLU A 212 -14.22 -22.06 -3.39
N ARG A 213 -13.06 -22.46 -3.91
CA ARG A 213 -12.40 -21.66 -4.96
C ARG A 213 -13.17 -21.60 -6.29
N GLU A 214 -13.74 -22.73 -6.69
CA GLU A 214 -14.39 -22.86 -7.99
C GLU A 214 -15.64 -21.96 -8.09
N HIS A 215 -16.22 -21.62 -6.95
CA HIS A 215 -17.40 -20.78 -6.95
C HIS A 215 -17.06 -19.29 -6.99
N LEU A 216 -15.81 -18.94 -6.62
CA LEU A 216 -15.44 -17.51 -6.42
C LEU A 216 -15.30 -16.67 -7.69
N GLN A 217 -15.67 -15.40 -7.58
CA GLN A 217 -15.26 -14.37 -8.53
C GLN A 217 -13.99 -13.70 -7.99
N VAL A 218 -12.93 -13.82 -8.76
CA VAL A 218 -11.61 -13.39 -8.39
C VAL A 218 -11.06 -12.34 -9.37
N ALA A 219 -10.48 -11.29 -8.81
CA ALA A 219 -9.88 -10.20 -9.58
C ALA A 219 -8.84 -9.51 -8.71
N SER A 220 -7.90 -8.82 -9.35
CA SER A 220 -6.99 -7.93 -8.67
C SER A 220 -7.66 -6.56 -8.61
N LEU A 221 -7.76 -5.98 -7.44
CA LEU A 221 -8.30 -4.63 -7.27
C LEU A 221 -7.19 -3.55 -7.28
N ASP A 222 -6.09 -3.86 -6.61
CA ASP A 222 -5.00 -2.93 -6.51
C ASP A 222 -3.64 -3.60 -6.31
N HIS A 223 -2.61 -2.78 -6.16
CA HIS A 223 -1.38 -3.19 -5.57
C HIS A 223 -0.62 -1.94 -5.12
N ALA A 224 0.22 -2.16 -4.12
CA ALA A 224 1.10 -1.13 -3.53
C ALA A 224 2.40 -1.84 -3.29
N MET A 225 3.51 -1.22 -3.71
CA MET A 225 4.85 -1.84 -3.60
C MET A 225 5.91 -0.85 -3.16
N TRP A 226 6.94 -1.38 -2.49
CA TRP A 226 8.04 -0.56 -2.00
C TRP A 226 9.30 -1.26 -2.29
N PHE A 227 10.18 -0.62 -3.04
CA PHE A 227 11.39 -1.26 -3.55
C PHE A 227 12.56 -0.73 -2.77
N MET A 228 13.03 -1.52 -1.82
CA MET A 228 13.97 -1.04 -0.80
C MET A 228 15.48 -1.22 -1.13
N ARG A 229 15.89 -2.39 -1.64
CA ARG A 229 17.31 -2.67 -1.87
C ARG A 229 17.46 -3.36 -3.20
N GLY A 230 18.64 -3.28 -3.78
CA GLY A 230 18.91 -3.96 -5.02
C GLY A 230 18.94 -5.47 -4.88
N PHE A 231 18.51 -6.14 -5.95
CA PHE A 231 18.46 -7.59 -5.99
C PHE A 231 18.64 -8.04 -7.44
N ARG A 232 18.57 -9.34 -7.69
CA ARG A 232 18.53 -9.87 -9.03
C ARG A 232 17.43 -10.93 -9.18
N ALA A 233 16.54 -10.73 -10.15
CA ALA A 233 15.45 -11.68 -10.40
C ALA A 233 15.85 -12.95 -11.13
N ASP A 234 17.08 -13.06 -11.62
CA ASP A 234 17.62 -14.34 -12.08
C ASP A 234 18.39 -15.12 -10.98
N GLU A 235 18.27 -14.66 -9.73
CA GLU A 235 18.77 -15.37 -8.55
C GLU A 235 17.60 -15.64 -7.63
N TRP A 236 17.74 -16.59 -6.71
CA TRP A 236 16.62 -16.94 -5.86
C TRP A 236 16.10 -15.77 -5.02
N LEU A 237 14.79 -15.55 -5.10
CA LEU A 237 14.03 -14.67 -4.22
C LEU A 237 13.02 -15.51 -3.43
N LEU A 238 12.94 -15.26 -2.12
CA LEU A 238 11.89 -15.85 -1.31
C LEU A 238 10.77 -14.86 -1.06
N TYR A 239 9.56 -15.28 -1.44
CA TYR A 239 8.41 -14.51 -1.22
C TYR A 239 7.70 -15.01 0.01
N ASP A 240 7.78 -14.23 1.07
CA ASP A 240 7.07 -14.57 2.28
C ASP A 240 5.73 -13.80 2.32
N GLN A 241 4.63 -14.56 2.21
CA GLN A 241 3.30 -14.01 1.95
C GLN A 241 2.33 -14.35 3.07
N SER A 242 1.26 -13.56 3.12
CA SER A 242 0.17 -13.82 4.04
C SER A 242 -1.10 -13.10 3.60
N SER A 243 -2.23 -13.60 4.06
CA SER A 243 -3.50 -12.97 3.85
C SER A 243 -4.08 -12.69 5.22
N PRO A 244 -3.87 -11.48 5.74
CA PRO A 244 -4.29 -11.24 7.10
C PRO A 244 -5.81 -11.20 7.25
N SER A 245 -6.55 -11.07 6.16
CA SER A 245 -8.00 -10.88 6.29
C SER A 245 -8.69 -11.13 4.97
N ALA A 246 -9.90 -11.65 5.02
CA ALA A 246 -10.79 -11.59 3.88
C ALA A 246 -12.22 -11.45 4.38
N GLY A 247 -13.09 -10.86 3.56
CA GLY A 247 -14.48 -10.55 3.92
C GLY A 247 -15.10 -9.59 2.89
N GLY A 248 -16.43 -9.57 2.86
CA GLY A 248 -17.20 -8.63 2.04
C GLY A 248 -16.94 -8.78 0.55
N GLY A 249 -16.44 -9.95 0.15
CA GLY A 249 -16.10 -10.23 -1.22
C GLY A 249 -14.68 -9.84 -1.58
N ARG A 250 -13.86 -9.58 -0.56
CA ARG A 250 -12.52 -9.09 -0.80
C ARG A 250 -11.58 -9.93 0.04
N ALA A 251 -10.29 -9.81 -0.27
CA ALA A 251 -9.24 -10.44 0.49
C ALA A 251 -8.07 -9.51 0.41
N LEU A 252 -7.39 -9.30 1.52
CA LEU A 252 -6.19 -8.55 1.53
C LEU A 252 -5.05 -9.50 1.68
N THR A 253 -3.97 -9.20 0.95
CA THR A 253 -2.74 -9.96 1.02
C THR A 253 -1.53 -9.02 1.11
N HIS A 254 -0.41 -9.62 1.45
CA HIS A 254 0.76 -8.89 1.93
C HIS A 254 1.97 -9.75 1.83
N GLY A 255 3.07 -9.18 1.36
CA GLY A 255 4.30 -9.93 1.42
C GLY A 255 5.59 -9.16 1.41
N LYS A 256 6.67 -9.88 1.74
CA LYS A 256 8.03 -9.36 1.73
C LYS A 256 8.91 -10.29 0.91
N ILE A 257 9.86 -9.72 0.21
CA ILE A 257 10.69 -10.50 -0.67
C ILE A 257 12.13 -10.38 -0.24
N PHE A 258 12.77 -11.54 -0.04
CA PHE A 258 14.15 -11.58 0.38
C PHE A 258 15.01 -12.28 -0.68
N THR A 259 16.28 -11.90 -0.73
CA THR A 259 17.26 -12.66 -1.49
C THR A 259 17.61 -13.89 -0.66
N GLN A 260 18.35 -14.82 -1.25
CA GLN A 260 18.73 -16.01 -0.53
C GLN A 260 19.73 -15.69 0.62
N GLY A 261 20.56 -14.67 0.45
CA GLY A 261 21.43 -14.22 1.53
C GLY A 261 20.71 -13.43 2.62
N GLY A 262 19.39 -13.27 2.49
CA GLY A 262 18.57 -12.77 3.61
C GLY A 262 18.30 -11.29 3.58
N GLU A 263 18.63 -10.62 2.49
CA GLU A 263 18.35 -9.22 2.36
C GLU A 263 16.89 -8.99 2.00
N LEU A 264 16.21 -8.14 2.76
CA LEU A 264 14.84 -7.73 2.47
C LEU A 264 14.91 -6.65 1.39
N VAL A 265 14.29 -6.91 0.24
CA VAL A 265 14.46 -6.09 -0.94
C VAL A 265 13.19 -5.45 -1.44
N ALA A 266 12.02 -6.02 -1.11
CA ALA A 266 10.70 -5.42 -1.43
C ALA A 266 9.55 -5.89 -0.52
N ALA A 267 8.56 -4.99 -0.34
CA ALA A 267 7.34 -5.24 0.42
C ALA A 267 6.18 -4.98 -0.51
N VAL A 268 5.11 -5.76 -0.38
CA VAL A 268 3.94 -5.59 -1.23
C VAL A 268 2.68 -5.78 -0.42
N MET A 269 1.67 -4.96 -0.67
CA MET A 269 0.30 -5.21 -0.25
C MET A 269 -0.61 -5.16 -1.46
N GLN A 270 -1.59 -6.06 -1.51
CA GLN A 270 -2.53 -6.14 -2.61
C GLN A 270 -3.86 -6.68 -2.13
N GLU A 271 -4.91 -6.00 -2.55
CA GLU A 271 -6.26 -6.43 -2.29
C GLU A 271 -6.85 -7.04 -3.60
N GLY A 272 -7.68 -8.07 -3.47
CA GLY A 272 -8.35 -8.68 -4.60
C GLY A 272 -9.83 -8.88 -4.36
N LEU A 273 -10.55 -9.08 -5.45
CA LEU A 273 -11.92 -9.57 -5.39
C LEU A 273 -11.87 -11.03 -5.02
N THR A 274 -12.67 -11.46 -4.06
CA THR A 274 -12.83 -12.87 -3.76
C THR A 274 -14.28 -13.04 -3.34
N ARG A 275 -15.13 -12.98 -4.36
CA ARG A 275 -16.55 -12.79 -4.21
C ARG A 275 -17.44 -14.00 -4.56
N TYR A 276 -18.35 -14.33 -3.65
CA TYR A 276 -19.45 -15.25 -3.91
C TYR A 276 -20.48 -14.64 -4.89
N PRO A 277 -20.83 -15.38 -5.94
CA PRO A 277 -21.97 -14.98 -6.75
C PRO A 277 -23.16 -14.77 -5.84
N SER A 278 -24.08 -13.90 -6.25
CA SER A 278 -25.31 -13.59 -5.47
C SER A 278 -26.06 -14.85 -4.97
N GLY A 279 -26.15 -15.88 -5.83
CA GLY A 279 -26.73 -17.19 -5.51
C GLY A 279 -26.01 -18.04 -4.45
N TYR A 280 -24.72 -18.34 -4.67
CA TYR A 280 -23.90 -19.22 -3.76
C TYR A 280 -23.46 -18.50 -2.48
N MET B 5 -15.29 16.31 19.09
CA MET B 5 -15.17 17.77 19.39
C MET B 5 -14.55 18.48 18.14
N ALA B 6 -13.23 18.66 18.11
CA ALA B 6 -12.53 19.27 16.95
C ALA B 6 -12.70 18.44 15.62
N ILE B 7 -12.61 17.12 15.70
CA ILE B 7 -12.49 16.26 14.49
C ILE B 7 -13.66 16.37 13.47
N GLU B 8 -14.88 16.55 13.99
CA GLU B 8 -16.05 16.78 13.15
C GLU B 8 -15.90 18.01 12.28
N GLU B 9 -15.42 19.09 12.88
CA GLU B 9 -15.31 20.38 12.19
C GLU B 9 -14.17 20.25 11.21
N ILE B 10 -13.07 19.67 11.64
CA ILE B 10 -11.98 19.39 10.67
C ILE B 10 -12.52 18.72 9.37
N LEU B 11 -13.45 17.76 9.53
CA LEU B 11 -13.92 16.98 8.39
C LEU B 11 -15.25 17.51 7.82
N ASP B 12 -15.70 18.67 8.29
CA ASP B 12 -16.82 19.27 7.67
C ASP B 12 -16.37 20.21 6.51
N LEU B 13 -16.47 19.74 5.27
CA LEU B 13 -16.03 20.56 4.13
C LEU B 13 -17.14 21.46 3.62
N GLU B 14 -16.73 22.53 2.96
CA GLU B 14 -17.63 23.42 2.27
C GLU B 14 -17.61 23.01 0.81
N GLN B 15 -18.78 22.83 0.21
CA GLN B 15 -18.81 22.52 -1.21
C GLN B 15 -18.84 23.83 -1.98
N LEU B 16 -17.85 24.01 -2.85
CA LEU B 16 -17.75 25.19 -3.72
C LEU B 16 -18.42 24.94 -5.08
N GLU B 17 -18.35 23.71 -5.57
CA GLU B 17 -19.01 23.29 -6.78
C GLU B 17 -19.03 21.77 -6.86
N VAL B 18 -19.60 21.24 -7.94
CA VAL B 18 -19.52 19.83 -8.19
C VAL B 18 -18.04 19.44 -8.35
N ASN B 19 -17.62 18.44 -7.58
CA ASN B 19 -16.24 17.97 -7.53
C ASN B 19 -15.21 18.98 -7.03
N ILE B 20 -15.69 20.01 -6.33
CA ILE B 20 -14.84 21.03 -5.74
C ILE B 20 -15.21 21.33 -4.26
N TYR B 21 -14.32 21.00 -3.34
CA TYR B 21 -14.58 21.21 -1.94
C TYR B 21 -13.47 22.00 -1.29
N ARG B 22 -13.81 22.61 -0.14
CA ARG B 22 -12.83 23.36 0.65
C ARG B 22 -12.88 22.96 2.13
N GLY B 23 -11.71 22.71 2.73
CA GLY B 23 -11.55 22.51 4.17
C GLY B 23 -10.85 23.71 4.82
N SER B 24 -11.34 24.21 5.98
CA SER B 24 -10.76 25.47 6.53
C SER B 24 -9.56 25.27 7.51
N THR B 36 1.45 21.41 8.46
CA THR B 36 0.09 20.81 8.60
C THR B 36 0.17 19.30 8.87
N PHE B 37 -0.65 18.83 9.82
CA PHE B 37 -0.68 17.41 10.13
C PHE B 37 -1.13 16.62 8.88
N GLY B 38 -0.36 15.61 8.53
CA GLY B 38 -0.60 14.89 7.29
C GLY B 38 -1.97 14.24 7.33
N GLY B 39 -2.41 13.89 8.54
CA GLY B 39 -3.64 13.15 8.70
C GLY B 39 -4.83 14.03 8.37
N HIS B 40 -4.66 15.32 8.58
CA HIS B 40 -5.69 16.34 8.40
C HIS B 40 -5.98 16.54 6.92
N VAL B 41 -4.94 16.75 6.11
CA VAL B 41 -5.08 16.77 4.66
C VAL B 41 -5.64 15.44 4.17
N ALA B 42 -5.10 14.33 4.71
CA ALA B 42 -5.52 13.03 4.26
C ALA B 42 -7.02 12.86 4.49
N GLY B 43 -7.47 13.24 5.69
CA GLY B 43 -8.81 12.96 6.13
C GLY B 43 -9.78 13.74 5.31
N GLN B 44 -9.43 14.98 5.02
CA GLN B 44 -10.33 15.87 4.26
C GLN B 44 -10.35 15.53 2.78
N SER B 45 -9.24 15.08 2.26
CA SER B 45 -9.24 14.51 0.89
C SER B 45 -10.23 13.31 0.82
N LEU B 46 -10.11 12.37 1.75
CA LEU B 46 -11.04 11.24 1.79
C LEU B 46 -12.53 11.68 1.87
N VAL B 47 -12.84 12.69 2.71
CA VAL B 47 -14.21 13.20 2.81
C VAL B 47 -14.68 13.76 1.44
N SER B 48 -13.89 14.61 0.81
CA SER B 48 -14.08 14.99 -0.62
C SER B 48 -14.53 13.88 -1.52
N ALA B 49 -13.72 12.82 -1.56
CA ALA B 49 -14.02 11.66 -2.37
C ALA B 49 -15.40 11.14 -1.98
N VAL B 50 -15.61 10.84 -0.70
CA VAL B 50 -16.86 10.21 -0.21
C VAL B 50 -18.16 10.99 -0.58
N ARG B 51 -18.06 12.31 -0.62
CA ARG B 51 -19.22 13.18 -0.82
C ARG B 51 -19.65 13.25 -2.28
N THR B 52 -18.87 12.57 -3.14
CA THR B 52 -19.15 12.44 -4.56
C THR B 52 -19.58 11.03 -4.97
N VAL B 53 -19.71 10.13 -4.00
CA VAL B 53 -20.02 8.71 -4.27
C VAL B 53 -21.42 8.35 -3.69
N ASP B 54 -22.22 7.63 -4.45
CA ASP B 54 -23.44 7.08 -3.88
C ASP B 54 -23.10 6.30 -2.59
N PRO B 55 -23.74 6.67 -1.45
CA PRO B 55 -23.51 6.06 -0.14
C PRO B 55 -23.81 4.55 -0.03
N ARG B 56 -24.47 3.99 -1.02
CA ARG B 56 -24.55 2.55 -1.17
C ARG B 56 -23.16 1.85 -1.34
N TYR B 57 -22.18 2.62 -1.80
CA TYR B 57 -20.83 2.14 -1.92
C TYR B 57 -20.02 2.69 -0.79
N GLN B 58 -19.34 1.82 -0.05
CA GLN B 58 -18.53 2.31 1.04
CA GLN B 58 -18.53 2.22 1.09
C GLN B 58 -17.03 2.08 0.75
N VAL B 59 -16.23 3.04 1.24
CA VAL B 59 -14.80 3.04 1.01
C VAL B 59 -14.17 1.78 1.57
N HIS B 60 -13.21 1.25 0.85
CA HIS B 60 -12.46 0.07 1.32
C HIS B 60 -10.96 0.19 1.18
N SER B 61 -10.48 1.13 0.35
CA SER B 61 -9.03 1.47 0.28
C SER B 61 -8.74 2.88 -0.20
N LEU B 62 -7.55 3.35 0.15
CA LEU B 62 -7.03 4.62 -0.36
C LEU B 62 -5.52 4.51 -0.49
N HIS B 63 -4.96 5.19 -1.50
CA HIS B 63 -3.52 5.39 -1.62
C HIS B 63 -3.23 6.85 -1.87
N GLY B 64 -2.19 7.40 -1.27
CA GLY B 64 -1.81 8.77 -1.57
C GLY B 64 -0.34 9.09 -1.40
N TYR B 65 0.12 10.15 -2.06
CA TYR B 65 1.46 10.72 -1.89
C TYR B 65 1.38 12.13 -1.28
N PHE B 66 2.10 12.34 -0.20
CA PHE B 66 2.35 13.65 0.33
C PHE B 66 3.43 14.34 -0.51
N LEU B 67 3.06 15.31 -1.33
CA LEU B 67 3.98 15.91 -2.27
C LEU B 67 4.66 17.16 -1.68
N ARG B 68 3.92 17.96 -0.92
CA ARG B 68 4.42 19.22 -0.42
C ARG B 68 3.91 19.46 0.97
N SER B 69 4.60 20.34 1.67
CA SER B 69 4.19 20.71 3.03
C SER B 69 3.00 21.66 2.91
N GLY B 70 1.99 21.39 3.75
CA GLY B 70 0.83 22.24 3.81
C GLY B 70 1.16 23.55 4.51
N ASP B 71 0.38 24.58 4.21
CA ASP B 71 0.36 25.80 4.97
C ASP B 71 -0.87 25.69 5.91
N ALA B 72 -0.58 25.50 7.17
CA ALA B 72 -1.63 25.23 8.15
C ALA B 72 -2.49 26.45 8.41
N GLN B 73 -2.01 27.62 8.00
CA GLN B 73 -2.72 28.87 8.21
C GLN B 73 -3.57 29.26 6.97
N GLU B 74 -3.88 28.29 6.09
CA GLU B 74 -4.68 28.60 4.89
C GLU B 74 -5.64 27.46 4.59
N PRO B 75 -6.73 27.76 3.89
CA PRO B 75 -7.63 26.67 3.52
C PRO B 75 -7.03 25.76 2.46
N THR B 76 -7.61 24.59 2.29
CA THR B 76 -7.24 23.65 1.24
C THR B 76 -8.46 23.37 0.30
N VAL B 77 -8.23 23.48 -1.00
CA VAL B 77 -9.23 23.16 -1.98
C VAL B 77 -9.03 21.73 -2.45
N PHE B 78 -10.13 20.99 -2.59
CA PHE B 78 -10.07 19.60 -3.02
C PHE B 78 -10.78 19.43 -4.34
N LEU B 79 -10.02 18.94 -5.33
CA LEU B 79 -10.56 18.72 -6.66
C LEU B 79 -10.75 17.21 -6.86
N VAL B 80 -12.00 16.81 -7.01
CA VAL B 80 -12.32 15.41 -7.09
C VAL B 80 -12.50 15.02 -8.55
N GLU B 81 -11.89 13.89 -8.92
CA GLU B 81 -12.09 13.24 -10.21
C GLU B 81 -12.89 11.94 -10.05
N ARG B 82 -13.91 11.77 -10.91
CA ARG B 82 -14.75 10.57 -10.88
C ARG B 82 -14.24 9.54 -11.85
N THR B 83 -13.21 8.85 -11.42
CA THR B 83 -12.41 7.96 -12.23
C THR B 83 -13.26 6.84 -12.89
N ARG B 84 -14.03 6.07 -12.13
CA ARG B 84 -15.06 5.17 -12.69
C ARG B 84 -16.27 5.15 -11.76
N ASP B 85 -17.40 4.72 -12.33
CA ASP B 85 -18.57 4.37 -11.54
C ASP B 85 -19.11 3.10 -12.18
N GLY B 86 -18.89 1.95 -11.53
CA GLY B 86 -19.40 0.70 -12.05
C GLY B 86 -20.57 0.18 -11.22
N GLY B 87 -20.95 -1.06 -11.48
CA GLY B 87 -21.99 -1.74 -10.70
C GLY B 87 -21.63 -2.07 -9.23
N SER B 88 -20.37 -2.45 -8.98
CA SER B 88 -19.97 -2.86 -7.64
C SER B 88 -18.94 -1.94 -7.00
N PHE B 89 -18.02 -1.42 -7.80
CA PHE B 89 -16.96 -0.52 -7.31
C PHE B 89 -17.00 0.85 -7.95
N VAL B 90 -16.64 1.86 -7.18
CA VAL B 90 -16.54 3.24 -7.64
C VAL B 90 -15.14 3.73 -7.25
N THR B 91 -14.50 4.54 -8.08
CA THR B 91 -13.11 4.93 -7.82
C THR B 91 -12.96 6.43 -7.98
N ARG B 92 -12.25 7.06 -7.05
CA ARG B 92 -12.01 8.50 -7.08
C ARG B 92 -10.55 8.89 -6.92
N ARG B 93 -10.16 10.02 -7.50
CA ARG B 93 -8.86 10.60 -7.23
C ARG B 93 -9.08 12.00 -6.70
N VAL B 94 -8.27 12.43 -5.74
CA VAL B 94 -8.41 13.74 -5.19
C VAL B 94 -7.03 14.36 -5.22
N ASN B 95 -6.96 15.62 -5.70
CA ASN B 95 -5.81 16.49 -5.52
C ASN B 95 -6.18 17.57 -4.55
N ALA B 96 -5.44 17.66 -3.44
CA ALA B 96 -5.58 18.74 -2.45
C ALA B 96 -4.64 19.87 -2.83
N VAL B 97 -5.19 21.07 -2.97
CA VAL B 97 -4.45 22.18 -3.52
C VAL B 97 -4.35 23.37 -2.56
N GLN B 98 -3.18 24.01 -2.55
CA GLN B 98 -2.99 25.29 -1.83
C GLN B 98 -1.99 26.13 -2.66
N HIS B 99 -2.35 27.39 -2.90
CA HIS B 99 -1.53 28.28 -3.69
CA HIS B 99 -1.61 28.33 -3.75
C HIS B 99 -1.19 27.69 -5.04
N GLY B 100 -2.18 27.09 -5.68
CA GLY B 100 -2.02 26.49 -7.00
C GLY B 100 -1.10 25.30 -7.10
N GLU B 101 -0.76 24.70 -5.98
CA GLU B 101 0.12 23.56 -5.94
C GLU B 101 -0.56 22.41 -5.29
N VAL B 102 -0.37 21.21 -5.82
CA VAL B 102 -0.92 19.99 -5.20
C VAL B 102 -0.07 19.54 -3.98
N ILE B 103 -0.65 19.49 -2.79
CA ILE B 103 0.09 19.04 -1.60
C ILE B 103 -0.06 17.57 -1.28
N PHE B 104 -1.14 16.99 -1.78
CA PHE B 104 -1.49 15.60 -1.53
C PHE B 104 -2.39 15.12 -2.66
N SER B 105 -2.07 13.95 -3.20
CA SER B 105 -2.79 13.38 -4.32
C SER B 105 -3.13 11.94 -4.00
N MET B 106 -4.41 11.64 -4.05
CA MET B 106 -4.97 10.48 -3.42
C MET B 106 -5.80 9.72 -4.43
N GLY B 107 -5.82 8.40 -4.28
CA GLY B 107 -6.81 7.55 -4.92
C GLY B 107 -7.64 6.86 -3.88
N ALA B 108 -8.90 6.53 -4.21
CA ALA B 108 -9.73 5.76 -3.30
C ALA B 108 -10.75 4.93 -4.03
N SER B 109 -11.03 3.73 -3.48
CA SER B 109 -11.98 2.80 -4.04
C SER B 109 -13.11 2.49 -3.07
N PHE B 110 -14.29 2.23 -3.61
CA PHE B 110 -15.51 2.05 -2.82
C PHE B 110 -16.32 0.88 -3.36
N GLN B 111 -16.89 0.08 -2.48
CA GLN B 111 -17.64 -1.10 -2.92
C GLN B 111 -19.03 -1.23 -2.28
N THR B 112 -20.00 -1.71 -3.06
CA THR B 112 -21.31 -2.15 -2.52
C THR B 112 -21.06 -3.24 -1.48
N ALA B 113 -22.02 -3.39 -0.59
CA ALA B 113 -22.05 -4.53 0.36
C ALA B 113 -22.16 -5.88 -0.36
N GLN B 114 -21.12 -6.69 -0.32
CA GLN B 114 -21.17 -7.99 -0.99
C GLN B 114 -20.58 -9.07 -0.13
N ASN B 115 -20.58 -10.31 -0.62
CA ASN B 115 -20.18 -11.47 0.19
C ASN B 115 -19.04 -12.31 -0.41
N GLY B 116 -18.29 -13.00 0.44
CA GLY B 116 -17.10 -13.74 0.01
C GLY B 116 -16.49 -14.67 1.05
N ILE B 117 -15.24 -15.06 0.84
CA ILE B 117 -14.49 -15.86 1.83
C ILE B 117 -14.19 -14.99 3.07
N SER B 118 -13.98 -15.68 4.20
CA SER B 118 -13.78 -15.02 5.49
C SER B 118 -12.62 -15.56 6.22
N HIS B 119 -11.72 -14.70 6.65
CA HIS B 119 -10.75 -15.07 7.65
C HIS B 119 -10.13 -13.85 8.29
N GLN B 120 -9.36 -14.07 9.35
CA GLN B 120 -8.71 -12.98 10.06
C GLN B 120 -7.53 -13.43 10.91
N ASP B 121 -6.37 -12.79 10.75
CA ASP B 121 -5.30 -12.90 11.76
C ASP B 121 -5.84 -12.58 13.18
N ALA B 122 -5.32 -13.30 14.17
CA ALA B 122 -5.70 -13.11 15.54
C ALA B 122 -5.02 -11.86 16.01
N MET B 123 -5.69 -11.20 16.95
CA MET B 123 -5.13 -10.05 17.61
C MET B 123 -3.80 -10.40 18.25
N PRO B 124 -2.82 -9.51 18.17
CA PRO B 124 -1.56 -9.73 18.87
C PRO B 124 -1.64 -9.55 20.37
N ALA B 125 -0.59 -10.02 21.02
CA ALA B 125 -0.45 -9.87 22.44
C ALA B 125 -0.25 -8.41 22.74
N ALA B 126 -1.02 -7.89 23.66
CA ALA B 126 -0.89 -6.52 24.08
C ALA B 126 -1.44 -6.37 25.50
N PRO B 127 -0.80 -5.51 26.32
CA PRO B 127 -1.44 -5.19 27.60
C PRO B 127 -2.68 -4.39 27.32
N PRO B 128 -3.68 -4.41 28.23
CA PRO B 128 -4.81 -3.48 28.05
C PRO B 128 -4.36 -2.02 28.26
N PRO B 129 -5.17 -1.05 27.86
CA PRO B 129 -4.92 0.32 28.21
C PRO B 129 -5.35 0.59 29.66
N LEU B 132 -1.74 2.26 31.92
CA LEU B 132 -0.91 2.66 30.76
C LEU B 132 -0.69 4.18 30.55
N PRO B 133 0.60 4.60 30.45
CA PRO B 133 1.16 5.97 30.40
C PRO B 133 0.46 7.12 29.60
N GLY B 134 0.33 7.02 28.28
CA GLY B 134 -0.16 8.20 27.51
C GLY B 134 0.98 8.74 26.66
N LEU B 135 0.68 9.06 25.40
CA LEU B 135 1.72 9.28 24.39
C LEU B 135 2.89 10.13 24.89
N PHE B 149 -4.15 17.50 19.99
CA PHE B 149 -4.86 16.24 20.12
C PHE B 149 -5.37 16.01 21.55
N GLU B 150 -5.93 17.06 22.14
CA GLU B 150 -6.56 16.98 23.47
C GLU B 150 -7.77 16.04 23.46
N GLU B 151 -8.48 16.01 22.32
CA GLU B 151 -9.75 15.29 22.16
C GLU B 151 -9.60 13.76 22.06
N TRP B 152 -8.36 13.30 21.92
CA TRP B 152 -8.07 11.90 21.81
C TRP B 152 -7.43 11.42 23.07
N ASP B 153 -7.67 10.16 23.41
CA ASP B 153 -6.92 9.52 24.47
C ASP B 153 -5.95 8.55 23.83
N VAL B 154 -4.65 8.90 23.86
CA VAL B 154 -3.62 8.10 23.18
C VAL B 154 -2.61 7.62 24.18
N ARG B 155 -2.24 6.34 24.07
CA ARG B 155 -1.36 5.70 25.02
C ARG B 155 -0.39 4.75 24.35
N ILE B 156 0.91 4.86 24.63
CA ILE B 156 1.98 4.04 23.99
C ILE B 156 2.28 2.86 24.87
N VAL B 157 2.62 1.71 24.29
CA VAL B 157 3.07 0.59 25.14
C VAL B 157 4.54 0.78 25.54
N PRO B 158 4.83 0.65 26.83
CA PRO B 158 6.22 0.81 27.26
C PRO B 158 7.02 -0.36 26.81
N ARG B 159 8.31 -0.12 26.56
CA ARG B 159 9.14 -1.10 25.88
C ARG B 159 9.16 -2.47 26.59
N ASP B 160 9.21 -2.47 27.91
CA ASP B 160 9.27 -3.75 28.67
C ASP B 160 7.95 -4.55 28.72
N LEU B 161 6.85 -3.95 28.26
CA LEU B 161 5.54 -4.66 28.20
C LEU B 161 5.21 -5.19 26.77
N LEU B 162 6.12 -4.93 25.84
CA LEU B 162 5.94 -5.35 24.44
C LEU B 162 6.33 -6.81 24.19
N ALA B 163 5.40 -7.57 23.62
CA ALA B 163 5.65 -8.96 23.30
C ALA B 163 6.40 -9.10 21.96
N PRO B 164 7.69 -9.46 21.99
CA PRO B 164 8.39 -9.56 20.70
C PRO B 164 7.82 -10.68 19.80
N LEU B 165 7.90 -10.47 18.49
CA LEU B 165 7.52 -11.47 17.52
C LEU B 165 8.82 -11.75 16.78
N PRO B 166 8.98 -12.98 16.21
CA PRO B 166 10.22 -13.51 15.58
C PRO B 166 10.91 -12.61 14.55
N GLY B 167 12.20 -12.29 14.79
CA GLY B 167 13.07 -11.58 13.84
C GLY B 167 12.74 -10.12 13.50
N LYS B 168 11.80 -9.52 14.22
CA LYS B 168 11.27 -8.22 13.90
C LYS B 168 12.05 -7.12 14.59
N ALA B 169 12.64 -6.24 13.79
CA ALA B 169 13.56 -5.22 14.26
C ALA B 169 12.94 -4.09 15.11
N SER B 170 11.67 -3.75 14.91
CA SER B 170 11.19 -2.47 15.42
C SER B 170 9.68 -2.44 15.58
N GLN B 171 9.19 -2.62 16.81
CA GLN B 171 7.75 -2.77 17.08
C GLN B 171 7.21 -1.67 18.01
N GLN B 172 5.95 -1.30 17.84
CA GLN B 172 5.31 -0.26 18.64
C GLN B 172 3.85 -0.57 18.71
N GLN B 173 3.31 -0.49 19.90
CA GLN B 173 1.89 -0.63 20.08
C GLN B 173 1.31 0.66 20.72
N VAL B 174 0.18 1.12 20.16
CA VAL B 174 -0.46 2.37 20.56
C VAL B 174 -1.95 2.15 20.73
N TRP B 175 -2.47 2.56 21.87
CA TRP B 175 -3.88 2.47 22.14
C TRP B 175 -4.46 3.83 22.03
N PHE B 176 -5.46 4.00 21.18
CA PHE B 176 -6.10 5.29 21.12
C PHE B 176 -7.60 5.22 21.11
N ARG B 177 -8.21 6.36 21.32
CA ARG B 177 -9.67 6.45 21.25
C ARG B 177 -10.14 7.87 21.54
N HIS B 178 -11.26 8.23 20.92
CA HIS B 178 -11.88 9.52 21.14
C HIS B 178 -12.56 9.65 22.50
N ARG B 179 -12.20 10.67 23.28
CA ARG B 179 -12.73 10.75 24.66
C ARG B 179 -14.22 10.86 24.59
N ASP B 180 -14.68 11.84 23.84
CA ASP B 180 -16.08 12.04 23.76
C ASP B 180 -16.67 11.10 22.72
N PRO B 181 -17.88 10.60 23.00
CA PRO B 181 -18.53 9.76 22.01
C PRO B 181 -18.76 10.54 20.67
N LEU B 182 -18.91 9.79 19.59
CA LEU B 182 -19.08 10.34 18.26
C LEU B 182 -20.33 9.77 17.60
N PRO B 183 -21.00 10.56 16.73
CA PRO B 183 -22.15 10.06 15.97
C PRO B 183 -21.82 8.79 15.20
N ASP B 184 -22.83 7.99 14.89
CA ASP B 184 -22.61 6.67 14.30
C ASP B 184 -22.23 6.67 12.80
N ASP B 185 -22.26 7.82 12.14
CA ASP B 185 -21.84 7.89 10.74
C ASP B 185 -20.49 7.14 10.43
N PRO B 186 -20.57 6.01 9.69
CA PRO B 186 -19.33 5.30 9.28
C PRO B 186 -18.26 6.13 8.55
N VAL B 187 -18.70 7.12 7.78
CA VAL B 187 -17.77 8.01 7.06
C VAL B 187 -16.87 8.67 8.07
N LEU B 188 -17.50 9.42 8.96
CA LEU B 188 -16.81 10.11 10.00
C LEU B 188 -15.81 9.18 10.67
N HIS B 189 -16.26 7.99 11.08
CA HIS B 189 -15.39 7.03 11.78
C HIS B 189 -14.26 6.58 10.93
N ILE B 190 -14.51 6.36 9.64
CA ILE B 190 -13.44 5.96 8.74
C ILE B 190 -12.53 7.15 8.50
N CYS B 191 -13.12 8.31 8.21
CA CYS B 191 -12.35 9.55 7.91
C CYS B 191 -11.57 9.97 9.13
N ALA B 192 -12.11 9.68 10.30
CA ALA B 192 -11.39 9.91 11.56
C ALA B 192 -10.27 8.91 11.79
N LEU B 193 -10.47 7.66 11.39
CA LEU B 193 -9.43 6.65 11.50
C LEU B 193 -8.31 6.96 10.52
N ALA B 194 -8.66 7.37 9.29
CA ALA B 194 -7.62 7.86 8.31
C ALA B 194 -6.71 8.85 9.01
N TYR B 195 -7.35 9.86 9.60
CA TYR B 195 -6.70 10.90 10.38
C TYR B 195 -5.74 10.41 11.48
N MET B 196 -6.24 9.59 12.39
CA MET B 196 -5.40 9.13 13.51
C MET B 196 -4.30 8.17 13.07
N SER B 197 -4.51 7.52 11.93
CA SER B 197 -3.56 6.54 11.40
C SER B 197 -2.21 7.17 11.03
N ASP B 198 -2.22 8.45 10.67
CA ASP B 198 -0.98 9.18 10.38
C ASP B 198 -0.31 9.68 11.66
N LEU B 199 -0.93 9.43 12.79
CA LEU B 199 -0.45 10.04 14.02
C LEU B 199 0.83 9.42 14.57
N THR B 200 0.81 8.15 14.93
CA THR B 200 2.00 7.57 15.52
C THR B 200 2.80 6.60 14.64
N LEU B 201 2.26 6.20 13.50
CA LEU B 201 2.81 5.10 12.71
C LEU B 201 4.28 5.26 12.35
N LEU B 202 4.64 6.39 11.75
CA LEU B 202 6.03 6.60 11.32
C LEU B 202 7.01 6.55 12.51
N GLY B 203 6.47 6.79 13.71
CA GLY B 203 7.25 6.77 14.94
C GLY B 203 7.89 5.42 15.17
N SER B 204 7.19 4.38 14.72
CA SER B 204 7.60 3.03 14.94
C SER B 204 8.96 2.77 14.30
N ALA B 205 9.33 3.56 13.28
CA ALA B 205 10.58 3.35 12.58
C ALA B 205 11.79 3.86 13.39
N GLN B 206 11.57 4.67 14.42
CA GLN B 206 12.67 5.30 15.17
C GLN B 206 12.89 4.71 16.57
N VAL B 207 12.21 3.61 16.85
CA VAL B 207 12.29 2.96 18.16
C VAL B 207 13.71 2.51 18.52
N THR B 208 14.44 1.97 17.55
CA THR B 208 15.80 1.50 17.76
C THR B 208 16.85 2.53 17.35
N HIS B 209 16.44 3.77 17.12
CA HIS B 209 17.35 4.81 16.63
C HIS B 209 17.23 6.07 17.46
N LEU B 210 16.81 5.92 18.72
CA LEU B 210 16.72 7.03 19.68
C LEU B 210 17.94 8.01 19.62
N ALA B 211 19.13 7.43 19.43
CA ALA B 211 20.42 8.16 19.37
C ALA B 211 20.56 9.20 18.23
N GLU B 212 20.03 8.88 17.05
CA GLU B 212 20.22 9.76 15.86
C GLU B 212 19.00 10.67 15.61
N ARG B 213 18.09 10.68 16.60
CA ARG B 213 16.87 11.51 16.59
C ARG B 213 17.05 13.03 16.62
N GLU B 214 18.26 13.56 16.56
CA GLU B 214 18.45 15.00 16.41
C GLU B 214 19.15 15.33 15.08
N HIS B 215 19.25 14.32 14.23
CA HIS B 215 19.95 14.47 12.99
C HIS B 215 19.12 13.94 11.86
N LEU B 216 17.85 13.64 12.14
CA LEU B 216 16.97 13.08 11.13
C LEU B 216 16.02 14.11 10.54
N GLN B 217 15.97 14.17 9.22
CA GLN B 217 14.87 14.79 8.50
C GLN B 217 13.74 13.76 8.34
N VAL B 218 12.57 14.05 8.92
CA VAL B 218 11.46 13.10 9.00
C VAL B 218 10.19 13.72 8.46
N ALA B 219 9.48 12.96 7.63
CA ALA B 219 8.25 13.43 7.03
C ALA B 219 7.58 12.28 6.34
N SER B 220 6.26 12.28 6.27
CA SER B 220 5.52 11.24 5.58
C SER B 220 5.70 11.36 4.07
N LEU B 221 5.94 10.25 3.40
CA LEU B 221 5.97 10.21 1.96
C LEU B 221 4.68 9.72 1.30
N ASP B 222 4.01 8.77 1.95
CA ASP B 222 2.84 8.13 1.35
C ASP B 222 1.90 7.54 2.38
N HIS B 223 0.75 7.10 1.91
CA HIS B 223 -0.23 6.46 2.76
C HIS B 223 -1.07 5.47 2.01
N ALA B 224 -1.28 4.29 2.59
CA ALA B 224 -2.13 3.31 1.99
C ALA B 224 -2.92 2.61 3.10
N MET B 225 -4.23 2.53 2.91
CA MET B 225 -5.12 2.04 3.95
C MET B 225 -6.19 1.15 3.43
N TRP B 226 -6.51 0.12 4.17
CA TRP B 226 -7.53 -0.83 3.82
C TRP B 226 -8.56 -0.95 4.95
N PHE B 227 -9.81 -0.68 4.64
CA PHE B 227 -10.88 -0.64 5.63
C PHE B 227 -11.74 -1.87 5.52
N MET B 228 -11.77 -2.67 6.57
CA MET B 228 -12.31 -4.01 6.48
C MET B 228 -13.56 -4.25 7.34
N ARG B 229 -13.65 -3.64 8.52
CA ARG B 229 -14.71 -3.92 9.49
C ARG B 229 -15.12 -2.66 10.24
N GLY B 230 -16.36 -2.69 10.77
CA GLY B 230 -16.89 -1.57 11.57
C GLY B 230 -16.23 -1.43 12.94
N PHE B 231 -16.28 -0.24 13.51
CA PHE B 231 -15.76 -0.01 14.84
C PHE B 231 -16.50 1.15 15.50
N ARG B 232 -16.46 1.22 16.82
CA ARG B 232 -16.84 2.44 17.56
C ARG B 232 -15.51 3.19 17.83
N ALA B 233 -15.25 4.27 17.08
CA ALA B 233 -14.02 5.05 17.27
C ALA B 233 -13.96 5.78 18.65
N ASP B 234 -15.10 5.77 19.35
CA ASP B 234 -15.23 6.20 20.73
C ASP B 234 -14.88 5.06 21.70
N GLU B 235 -14.45 3.90 21.19
CA GLU B 235 -14.11 2.76 22.05
C GLU B 235 -12.65 2.40 21.75
N TRP B 236 -12.00 1.62 22.61
CA TRP B 236 -10.55 1.39 22.52
C TRP B 236 -10.09 0.68 21.27
N LEU B 237 -9.04 1.22 20.62
CA LEU B 237 -8.41 0.65 19.42
C LEU B 237 -6.90 0.40 19.64
N LEU B 238 -6.47 -0.79 19.23
CA LEU B 238 -5.05 -1.15 19.30
C LEU B 238 -4.44 -0.91 17.95
N TYR B 239 -3.45 -0.06 17.89
CA TYR B 239 -2.72 0.15 16.70
C TYR B 239 -1.40 -0.57 16.87
N ASP B 240 -1.32 -1.79 16.35
CA ASP B 240 -0.12 -2.62 16.39
C ASP B 240 0.81 -2.29 15.20
N GLN B 241 1.98 -1.76 15.49
CA GLN B 241 2.80 -1.19 14.43
C GLN B 241 4.16 -1.85 14.37
N SER B 242 4.78 -1.75 13.22
CA SER B 242 6.03 -2.40 12.96
C SER B 242 6.71 -1.60 11.88
N SER B 243 8.03 -1.61 11.82
CA SER B 243 8.74 -1.00 10.69
C SER B 243 9.74 -2.01 10.13
N PRO B 244 9.38 -2.70 9.05
CA PRO B 244 10.26 -3.82 8.65
C PRO B 244 11.53 -3.44 7.95
N SER B 245 11.69 -2.18 7.56
CA SER B 245 12.89 -1.75 6.83
C SER B 245 13.15 -0.24 6.88
N ALA B 246 14.42 0.13 6.90
CA ALA B 246 14.88 1.52 6.72
C ALA B 246 16.21 1.53 6.00
N GLY B 247 16.37 2.52 5.12
CA GLY B 247 17.59 2.67 4.32
C GLY B 247 17.42 3.71 3.23
N GLY B 248 18.53 4.12 2.63
CA GLY B 248 18.50 5.12 1.54
C GLY B 248 17.80 6.39 1.93
N GLY B 249 17.66 6.62 3.24
CA GLY B 249 17.00 7.78 3.77
C GLY B 249 15.49 7.70 3.90
N ARG B 250 14.96 6.47 3.87
CA ARG B 250 13.54 6.20 4.02
C ARG B 250 13.36 5.10 5.06
N ALA B 251 12.16 5.01 5.63
CA ALA B 251 11.69 3.84 6.37
C ALA B 251 10.21 3.49 6.03
N LEU B 252 9.94 2.19 6.03
CA LEU B 252 8.62 1.68 5.78
C LEU B 252 8.01 1.28 7.11
N THR B 253 6.74 1.60 7.29
CA THR B 253 6.00 1.21 8.47
C THR B 253 4.71 0.54 8.07
N HIS B 254 4.17 -0.24 8.98
CA HIS B 254 3.05 -1.12 8.73
C HIS B 254 2.25 -1.18 9.98
N GLY B 255 0.93 -0.99 9.88
CA GLY B 255 0.05 -1.05 11.07
C GLY B 255 -1.17 -1.92 10.92
N LYS B 256 -1.64 -2.46 12.03
CA LYS B 256 -2.88 -3.24 12.07
C LYS B 256 -3.73 -2.61 13.17
N ILE B 257 -5.03 -2.40 12.91
CA ILE B 257 -5.91 -1.76 13.87
C ILE B 257 -7.01 -2.72 14.31
N PHE B 258 -7.17 -2.83 15.62
CA PHE B 258 -8.04 -3.80 16.24
C PHE B 258 -8.93 -3.19 17.31
N THR B 259 -10.16 -3.71 17.43
CA THR B 259 -11.02 -3.43 18.59
C THR B 259 -10.58 -4.34 19.69
N GLN B 260 -10.76 -3.93 20.93
CA GLN B 260 -10.37 -4.78 22.07
C GLN B 260 -10.90 -6.23 21.98
N GLY B 261 -12.09 -6.42 21.41
CA GLY B 261 -12.67 -7.77 21.25
C GLY B 261 -12.01 -8.65 20.20
N GLY B 262 -10.96 -8.13 19.53
CA GLY B 262 -10.14 -8.94 18.64
C GLY B 262 -10.40 -8.78 17.16
N GLU B 263 -11.14 -7.74 16.76
CA GLU B 263 -11.47 -7.55 15.34
C GLU B 263 -10.44 -6.66 14.61
N LEU B 264 -10.03 -7.08 13.42
CA LEU B 264 -9.19 -6.26 12.51
C LEU B 264 -10.06 -5.24 11.74
N VAL B 265 -9.93 -3.97 12.10
CA VAL B 265 -10.70 -2.87 11.54
C VAL B 265 -10.11 -2.36 10.22
N ALA B 266 -8.79 -2.27 10.18
CA ALA B 266 -8.10 -1.68 9.06
C ALA B 266 -6.64 -2.08 9.05
N ALA B 267 -5.99 -1.95 7.89
CA ALA B 267 -4.56 -2.15 7.77
C ALA B 267 -3.98 -0.89 7.13
N VAL B 268 -2.77 -0.56 7.53
CA VAL B 268 -2.13 0.63 7.04
C VAL B 268 -0.69 0.35 6.63
N MET B 269 -0.24 0.98 5.54
CA MET B 269 1.18 1.07 5.21
C MET B 269 1.65 2.50 4.99
N GLN B 270 2.82 2.86 5.47
CA GLN B 270 3.33 4.22 5.30
C GLN B 270 4.85 4.28 5.20
N GLU B 271 5.34 4.83 4.09
CA GLU B 271 6.74 5.11 3.90
C GLU B 271 6.99 6.56 4.34
N GLY B 272 8.15 6.83 4.90
CA GLY B 272 8.48 8.18 5.30
C GLY B 272 9.94 8.49 5.11
N LEU B 273 10.25 9.77 4.97
CA LEU B 273 11.63 10.27 4.98
C LEU B 273 12.29 10.10 6.34
N THR B 274 13.46 9.46 6.38
CA THR B 274 14.24 9.37 7.62
C THR B 274 15.72 9.58 7.33
N ARG B 275 16.08 10.84 7.09
CA ARG B 275 17.29 11.15 6.32
C ARG B 275 18.32 11.90 7.14
N TYR B 276 19.58 11.47 7.00
CA TYR B 276 20.72 12.25 7.51
C TYR B 276 20.97 13.41 6.56
N PRO B 277 21.32 14.61 7.10
CA PRO B 277 21.82 15.73 6.34
C PRO B 277 22.99 15.34 5.46
N SER B 278 23.46 16.29 4.65
CA SER B 278 24.39 16.04 3.56
C SER B 278 25.76 15.66 4.08
N GLY B 279 26.22 16.36 5.11
CA GLY B 279 27.49 16.02 5.76
C GLY B 279 27.45 14.73 6.58
N TYR B 280 26.38 14.55 7.34
CA TYR B 280 26.37 13.66 8.51
C TYR B 280 26.54 12.15 8.25
N GLN B 281 27.55 11.55 8.91
CA GLN B 281 27.67 10.07 9.03
C GLN B 281 27.72 9.62 10.51
N PRO B 282 26.82 8.67 10.87
CA PRO B 282 26.78 7.99 12.17
C PRO B 282 28.18 7.51 12.60
#